data_6ME4
#
_entry.id   6ME4
#
_cell.length_a   122.600
_cell.length_b   122.600
_cell.length_c   123.300
_cell.angle_alpha   90.00
_cell.angle_beta   90.00
_cell.angle_gamma   90.00
#
_symmetry.space_group_name_H-M   'P 4 21 2'
#
loop_
_entity.id
_entity.type
_entity.pdbx_description
1 polymer 'chimera protein of Melatonin receptor type 1A and GlgA glycogen synthase'
2 non-polymer N-[2-(2-iodo-5-methoxy-1H-indol-3-yl)ethyl]acetamide
3 non-polymer DI(HYDROXYETHYL)ETHER
4 non-polymer GLYCEROL
5 water water
#
_entity_poly.entity_id   1
_entity_poly.type   'polypeptide(L)'
_entity_poly.pdbx_seq_one_letter_code
;GTSQPVLRGDGARPSWLASALACVLIFTIVVDILGNLLVILSVYRNKKLRNAGNIFVVSLAVANLVVAIYPYPLVLMSIF
NNGWNFGYLHCQVSAFLMGLSVIGSIWNITGIAIDRYLYICHSLKYDKLYSSKNSLCYVLLIWLLTLAAVLPNLRAGTLQ
YDPRIYSCTFAQSVSSAYTIAVVVFHFLVPMIIVIFCYLRIWILVLQVRGID(YCM)SFWNESYLTGSRDERKKSLLSKF
GMDEGVTFMFIGRFDRGQKGVDVLLKAIEILSSKKEFQEMRFIIIGKGDPELEGWARSLEEKHGNVKVITEMLSREFVRE
LYGSVDFVIIPSYFEPFGLVALEAMCLGAIPIASAVGGLRDIITNETGILVKAGDPGELANAILKALELSRSDLSKFREN
CKKRAMSFSKLKPQDFRNFVTMFVVFVLFAICFAPLNFIGLAVASDPASMVPRIPEWLFVASYYMAYFNSCLNPIIYGLL
DQNFRKEYRRIIVSLCTARVFFVDSSN
;
_entity_poly.pdbx_strand_id   A
#
# COMPACT_ATOMS: atom_id res chain seq x y z
N PRO A 14 33.00 18.56 21.75
CA PRO A 14 34.46 18.63 21.71
C PRO A 14 35.03 18.53 20.28
N SER A 15 36.35 18.73 20.12
CA SER A 15 37.09 18.73 18.85
C SER A 15 36.84 17.48 17.99
N TRP A 16 36.71 16.30 18.63
CA TRP A 16 36.46 15.02 17.94
C TRP A 16 35.09 15.02 17.26
N LEU A 17 34.07 15.63 17.91
CA LEU A 17 32.69 15.71 17.41
C LEU A 17 32.61 16.46 16.09
N ALA A 18 33.46 17.49 15.90
CA ALA A 18 33.54 18.27 14.67
C ALA A 18 34.14 17.42 13.54
N SER A 19 35.23 16.68 13.82
CA SER A 19 35.90 15.80 12.86
C SER A 19 35.03 14.59 12.53
N ALA A 20 34.19 14.13 13.49
CA ALA A 20 33.29 12.99 13.32
C ALA A 20 32.20 13.29 12.29
N LEU A 21 31.64 14.53 12.33
CA LEU A 21 30.60 15.00 11.39
C LEU A 21 31.17 15.13 9.98
N ALA A 22 32.48 15.46 9.87
CA ALA A 22 33.19 15.58 8.58
C ALA A 22 33.33 14.21 7.91
N CYS A 23 33.50 13.12 8.71
CA CYS A 23 33.60 11.74 8.22
C CYS A 23 32.30 11.33 7.54
N VAL A 24 31.16 11.66 8.18
CA VAL A 24 29.80 11.38 7.71
C VAL A 24 29.62 11.98 6.32
N LEU A 25 29.95 13.28 6.15
CA LEU A 25 29.86 14.00 4.89
C LEU A 25 30.82 13.42 3.84
N ILE A 26 32.10 13.17 4.21
CA ILE A 26 33.11 12.58 3.32
C ILE A 26 32.59 11.25 2.75
N PHE A 27 32.03 10.38 3.62
CA PHE A 27 31.44 9.10 3.23
C PHE A 27 30.27 9.33 2.27
N THR A 28 29.26 10.12 2.72
CA THR A 28 28.03 10.46 1.99
C THR A 28 28.35 10.99 0.58
N ILE A 29 29.25 11.99 0.47
CA ILE A 29 29.64 12.59 -0.81
C ILE A 29 30.21 11.51 -1.75
N VAL A 30 31.22 10.75 -1.30
CA VAL A 30 31.87 9.69 -2.08
C VAL A 30 30.86 8.62 -2.51
N VAL A 31 30.10 8.05 -1.56
CA VAL A 31 29.11 6.98 -1.80
C VAL A 31 27.96 7.47 -2.70
N ASP A 32 27.55 8.75 -2.57
CA ASP A 32 26.47 9.28 -3.40
C ASP A 32 26.93 9.46 -4.86
N ILE A 33 28.14 10.02 -5.06
CA ILE A 33 28.69 10.28 -6.39
C ILE A 33 28.82 8.97 -7.17
N LEU A 34 29.61 8.02 -6.66
CA LEU A 34 29.84 6.73 -7.32
C LEU A 34 28.59 5.86 -7.36
N GLY A 35 27.92 5.72 -6.21
CA GLY A 35 26.72 4.91 -6.05
C GLY A 35 25.56 5.25 -6.95
N ASN A 36 25.11 6.53 -6.94
CA ASN A 36 23.98 6.96 -7.78
C ASN A 36 24.39 7.08 -9.25
N LEU A 37 25.70 7.15 -9.55
CA LEU A 37 26.18 7.13 -10.93
C LEU A 37 26.00 5.71 -11.46
N LEU A 38 26.23 4.70 -10.57
CA LEU A 38 26.08 3.27 -10.86
C LEU A 38 24.62 2.92 -11.11
N VAL A 39 23.67 3.53 -10.36
CA VAL A 39 22.22 3.31 -10.49
C VAL A 39 21.76 3.78 -11.88
N ILE A 40 22.18 4.98 -12.30
CA ILE A 40 21.85 5.58 -13.60
C ILE A 40 22.48 4.75 -14.74
N LEU A 41 23.76 4.33 -14.58
CA LEU A 41 24.46 3.51 -15.57
C LEU A 41 23.81 2.11 -15.71
N SER A 42 23.39 1.49 -14.58
CA SER A 42 22.77 0.16 -14.53
C SER A 42 21.42 0.09 -15.23
N VAL A 43 20.56 1.13 -15.10
CA VAL A 43 19.22 1.17 -15.69
C VAL A 43 19.34 1.19 -17.24
N TYR A 44 20.39 1.80 -17.80
CA TYR A 44 20.54 1.82 -19.26
C TYR A 44 21.43 0.67 -19.78
N ARG A 45 22.20 -0.02 -18.90
CA ARG A 45 23.09 -1.14 -19.27
C ARG A 45 22.46 -2.55 -18.99
N ASN A 46 21.24 -2.59 -18.44
CA ASN A 46 20.54 -3.85 -18.10
C ASN A 46 19.12 -3.85 -18.69
N LYS A 47 18.76 -4.93 -19.43
CA LYS A 47 17.46 -5.14 -20.09
C LYS A 47 16.32 -5.31 -19.07
N LYS A 48 16.58 -6.11 -18.00
CA LYS A 48 15.62 -6.40 -16.92
C LYS A 48 15.35 -5.17 -16.04
N LEU A 49 16.28 -4.19 -16.02
CA LEU A 49 16.15 -2.96 -15.26
C LEU A 49 15.81 -1.76 -16.15
N ARG A 50 15.73 -1.96 -17.50
CA ARG A 50 15.46 -0.91 -18.49
C ARG A 50 13.95 -0.58 -18.67
N ASN A 51 13.05 -1.11 -17.81
CA ASN A 51 11.61 -0.82 -17.94
C ASN A 51 11.29 0.66 -17.61
N ALA A 52 10.23 1.20 -18.24
CA ALA A 52 9.76 2.59 -18.11
C ALA A 52 9.42 3.00 -16.67
N GLY A 53 8.92 2.06 -15.87
CA GLY A 53 8.56 2.28 -14.47
C GLY A 53 9.74 2.64 -13.57
N ASN A 54 10.96 2.49 -14.09
CA ASN A 54 12.18 2.80 -13.36
C ASN A 54 12.77 4.17 -13.76
N ILE A 55 11.94 5.03 -14.42
CA ILE A 55 12.34 6.40 -14.77
C ILE A 55 12.37 7.21 -13.48
N PHE A 56 11.49 6.86 -12.53
CA PHE A 56 11.36 7.45 -11.19
C PHE A 56 12.61 7.17 -10.35
N VAL A 57 13.31 6.03 -10.61
CA VAL A 57 14.54 5.61 -9.91
C VAL A 57 15.70 6.51 -10.35
N VAL A 58 15.80 6.79 -11.68
CA VAL A 58 16.82 7.65 -12.28
C VAL A 58 16.58 9.10 -11.82
N SER A 59 15.29 9.50 -11.76
CA SER A 59 14.85 10.82 -11.29
C SER A 59 15.28 11.07 -9.85
N LEU A 60 15.12 10.03 -8.98
CA LEU A 60 15.52 10.04 -7.56
C LEU A 60 17.06 10.06 -7.44
N ALA A 61 17.75 9.29 -8.32
CA ALA A 61 19.22 9.19 -8.36
C ALA A 61 19.87 10.54 -8.70
N VAL A 62 19.20 11.36 -9.55
CA VAL A 62 19.66 12.70 -9.92
C VAL A 62 19.47 13.61 -8.68
N ALA A 63 18.24 13.59 -8.09
CA ALA A 63 17.88 14.33 -6.89
C ALA A 63 18.90 14.12 -5.77
N ASN A 64 19.32 12.85 -5.58
CA ASN A 64 20.33 12.43 -4.60
C ASN A 64 21.72 12.99 -4.93
N LEU A 65 22.07 13.04 -6.22
CA LEU A 65 23.39 13.48 -6.67
C LEU A 65 23.67 14.98 -6.59
N VAL A 66 22.65 15.84 -6.76
CA VAL A 66 22.83 17.31 -6.79
C VAL A 66 23.41 17.88 -5.47
N VAL A 67 23.18 17.24 -4.31
CA VAL A 67 23.70 17.75 -3.04
C VAL A 67 25.20 17.48 -2.86
N ALA A 68 25.75 16.38 -3.44
CA ALA A 68 27.17 16.05 -3.26
C ALA A 68 28.11 16.76 -4.26
N ILE A 69 27.57 17.43 -5.29
CA ILE A 69 28.41 18.15 -6.27
C ILE A 69 28.67 19.63 -5.85
N TYR A 70 27.71 20.28 -5.15
CA TYR A 70 27.87 21.69 -4.76
C TYR A 70 27.50 21.96 -3.28
N PRO A 71 26.27 21.69 -2.74
CA PRO A 71 25.97 22.06 -1.35
C PRO A 71 26.82 21.37 -0.29
N TYR A 72 26.86 20.02 -0.25
CA TYR A 72 27.63 19.28 0.76
C TYR A 72 29.13 19.67 0.78
N PRO A 73 29.87 19.78 -0.37
CA PRO A 73 31.29 20.20 -0.27
C PRO A 73 31.50 21.53 0.46
N LEU A 74 30.60 22.53 0.26
CA LEU A 74 30.65 23.84 0.91
C LEU A 74 30.49 23.71 2.43
N VAL A 75 29.61 22.77 2.88
CA VAL A 75 29.30 22.47 4.28
C VAL A 75 30.50 21.79 4.96
N LEU A 76 31.17 20.85 4.24
CA LEU A 76 32.35 20.12 4.74
C LEU A 76 33.48 21.09 5.04
N MET A 77 33.71 22.06 4.13
CA MET A 77 34.74 23.09 4.29
C MET A 77 34.39 24.03 5.45
N SER A 78 33.07 24.32 5.63
CA SER A 78 32.52 25.17 6.69
C SER A 78 32.67 24.55 8.10
N ILE A 79 32.95 23.24 8.21
CA ILE A 79 33.19 22.56 9.50
C ILE A 79 34.60 22.97 9.96
N PHE A 80 35.59 22.79 9.06
CA PHE A 80 37.01 23.12 9.27
C PHE A 80 37.19 24.62 9.48
N ASN A 81 36.49 25.45 8.68
CA ASN A 81 36.53 26.92 8.79
C ASN A 81 35.83 27.40 10.07
N ASN A 82 34.90 26.57 10.61
CA ASN A 82 34.06 26.82 11.78
C ASN A 82 33.28 28.15 11.58
N GLY A 83 32.68 28.26 10.39
CA GLY A 83 31.91 29.41 9.94
C GLY A 83 31.73 29.47 8.43
N TRP A 84 30.90 30.42 7.96
CA TRP A 84 30.62 30.62 6.55
C TRP A 84 31.60 31.66 5.97
N ASN A 85 32.62 31.18 5.24
CA ASN A 85 33.68 31.97 4.63
C ASN A 85 33.42 32.25 3.13
N PHE A 86 32.19 31.97 2.66
CA PHE A 86 31.76 32.17 1.28
C PHE A 86 30.72 33.31 1.23
N GLY A 87 30.29 33.71 0.04
CA GLY A 87 29.33 34.81 -0.13
C GLY A 87 27.92 34.52 0.37
N TYR A 88 27.02 35.50 0.24
CA TYR A 88 25.62 35.30 0.61
C TYR A 88 24.91 34.51 -0.50
N LEU A 89 25.31 34.75 -1.78
CA LEU A 89 24.77 34.08 -2.98
C LEU A 89 25.09 32.60 -2.91
N HIS A 90 26.31 32.27 -2.42
CA HIS A 90 26.77 30.91 -2.20
C HIS A 90 25.94 30.25 -1.12
N CYS A 91 25.51 31.01 -0.10
CA CYS A 91 24.66 30.53 0.99
C CYS A 91 23.22 30.32 0.49
N GLN A 92 22.73 31.22 -0.38
CA GLN A 92 21.38 31.16 -0.92
C GLN A 92 21.23 30.05 -1.97
N VAL A 93 22.21 29.86 -2.88
CA VAL A 93 22.21 28.81 -3.92
C VAL A 93 22.42 27.44 -3.26
N SER A 94 23.39 27.33 -2.31
CA SER A 94 23.68 26.10 -1.54
C SER A 94 22.39 25.61 -0.85
N ALA A 95 21.59 26.55 -0.29
CA ALA A 95 20.32 26.26 0.39
C ALA A 95 19.21 25.87 -0.60
N PHE A 96 19.07 26.63 -1.73
CA PHE A 96 18.05 26.40 -2.76
C PHE A 96 18.20 25.03 -3.44
N LEU A 97 19.43 24.59 -3.71
CA LEU A 97 19.68 23.31 -4.35
C LEU A 97 19.43 22.12 -3.40
N MET A 98 19.54 22.34 -2.06
CA MET A 98 19.29 21.33 -1.02
C MET A 98 17.81 21.01 -0.93
N GLY A 99 16.98 22.05 -1.02
CA GLY A 99 15.53 21.93 -1.00
C GLY A 99 15.03 21.20 -2.23
N LEU A 100 15.58 21.53 -3.41
CA LEU A 100 15.24 20.87 -4.68
C LEU A 100 15.55 19.39 -4.58
N SER A 101 16.63 19.03 -3.86
CA SER A 101 17.07 17.66 -3.65
C SER A 101 16.14 16.90 -2.68
N VAL A 102 16.00 17.39 -1.42
CA VAL A 102 15.20 16.76 -0.37
C VAL A 102 13.70 16.65 -0.77
N ILE A 103 13.08 17.73 -1.28
CA ILE A 103 11.67 17.74 -1.69
C ILE A 103 11.52 16.89 -2.97
N GLY A 104 12.54 16.89 -3.82
CA GLY A 104 12.58 16.10 -5.04
C GLY A 104 12.50 14.61 -4.76
N SER A 105 13.36 14.12 -3.83
CA SER A 105 13.46 12.72 -3.43
C SER A 105 12.19 12.20 -2.72
N ILE A 106 11.53 13.01 -1.87
CA ILE A 106 10.31 12.58 -1.17
C ILE A 106 9.14 12.46 -2.18
N TRP A 107 9.05 13.39 -3.15
CA TRP A 107 7.97 13.30 -4.14
C TRP A 107 8.27 12.23 -5.20
N ASN A 108 9.55 11.86 -5.40
CA ASN A 108 9.91 10.79 -6.35
C ASN A 108 9.57 9.44 -5.75
N ILE A 109 9.72 9.28 -4.41
CA ILE A 109 9.35 8.05 -3.68
C ILE A 109 7.80 7.89 -3.73
N THR A 110 7.06 9.04 -3.69
CA THR A 110 5.60 9.09 -3.79
C THR A 110 5.18 8.57 -5.17
N GLY A 111 5.94 8.95 -6.22
CA GLY A 111 5.72 8.53 -7.59
C GLY A 111 5.86 7.03 -7.80
N ILE A 112 6.92 6.43 -7.23
CA ILE A 112 7.17 4.98 -7.29
C ILE A 112 6.05 4.24 -6.57
N ALA A 113 5.65 4.72 -5.37
CA ALA A 113 4.59 4.13 -4.56
C ALA A 113 3.27 3.98 -5.36
N ILE A 114 2.90 5.02 -6.15
CA ILE A 114 1.69 5.05 -6.98
C ILE A 114 1.86 4.09 -8.18
N ASP A 115 3.01 4.16 -8.87
CA ASP A 115 3.36 3.32 -10.02
C ASP A 115 3.23 1.83 -9.70
N ARG A 116 3.83 1.38 -8.58
CA ARG A 116 3.84 -0.03 -8.15
C ARG A 116 2.45 -0.52 -7.66
N TYR A 117 1.63 0.38 -7.06
CA TYR A 117 0.27 0.03 -6.63
C TYR A 117 -0.62 -0.17 -7.87
N LEU A 118 -0.41 0.67 -8.90
CA LEU A 118 -1.14 0.59 -10.16
C LEU A 118 -0.72 -0.64 -10.97
N TYR A 119 0.54 -1.09 -10.79
CA TYR A 119 1.14 -2.24 -11.45
C TYR A 119 0.43 -3.55 -11.04
N ILE A 120 0.26 -3.77 -9.71
CA ILE A 120 -0.38 -4.97 -9.16
C ILE A 120 -1.85 -4.99 -9.56
N CYS A 121 -2.51 -3.82 -9.62
CA CYS A 121 -3.91 -3.73 -10.01
C CYS A 121 -4.10 -3.99 -11.52
N HIS A 122 -3.16 -3.53 -12.38
CA HIS A 122 -3.23 -3.73 -13.84
C HIS A 122 -3.01 -5.21 -14.19
N SER A 123 -2.03 -5.87 -13.53
CA SER A 123 -1.71 -7.29 -13.74
C SER A 123 -2.86 -8.20 -13.28
N LEU A 124 -3.72 -7.70 -12.37
CA LEU A 124 -4.89 -8.43 -11.88
C LEU A 124 -6.01 -8.38 -12.93
N LYS A 125 -6.30 -7.17 -13.45
CA LYS A 125 -7.36 -6.88 -14.40
C LYS A 125 -7.07 -7.30 -15.85
N TYR A 126 -5.81 -7.17 -16.32
CA TYR A 126 -5.47 -7.47 -17.71
C TYR A 126 -4.37 -8.52 -17.84
N ASP A 127 -4.48 -9.36 -18.90
CA ASP A 127 -3.51 -10.42 -19.22
C ASP A 127 -2.19 -9.83 -19.76
N LYS A 128 -2.26 -8.60 -20.31
CA LYS A 128 -1.13 -7.84 -20.86
C LYS A 128 -0.33 -7.14 -19.73
N LEU A 129 0.99 -7.04 -19.90
CA LEU A 129 1.92 -6.42 -18.93
C LEU A 129 1.71 -4.91 -18.84
N TYR A 130 1.78 -4.36 -17.60
CA TYR A 130 1.61 -2.93 -17.33
C TYR A 130 2.75 -2.12 -17.97
N SER A 131 2.39 -1.13 -18.80
CA SER A 131 3.33 -0.26 -19.51
C SER A 131 3.07 1.22 -19.18
N SER A 132 3.83 1.77 -18.20
CA SER A 132 3.74 3.16 -17.77
C SER A 132 4.24 4.08 -18.91
N LYS A 133 3.30 4.52 -19.75
CA LYS A 133 3.56 5.35 -20.92
C LYS A 133 3.87 6.81 -20.56
N ASN A 134 3.09 7.42 -19.63
CA ASN A 134 3.22 8.82 -19.23
C ASN A 134 4.22 9.05 -18.05
N SER A 135 5.23 8.15 -17.89
CA SER A 135 6.23 8.20 -16.81
C SER A 135 7.16 9.41 -16.93
N LEU A 136 7.65 9.72 -18.15
CA LEU A 136 8.53 10.87 -18.43
C LEU A 136 7.77 12.19 -18.27
N CYS A 137 6.43 12.15 -18.35
CA CYS A 137 5.52 13.28 -18.19
C CYS A 137 5.29 13.56 -16.71
N TYR A 138 5.06 12.49 -15.90
CA TYR A 138 4.81 12.59 -14.46
C TYR A 138 6.00 13.13 -13.68
N VAL A 139 7.24 12.76 -14.06
CA VAL A 139 8.47 13.23 -13.39
C VAL A 139 8.68 14.73 -13.65
N LEU A 140 8.27 15.24 -14.82
CA LEU A 140 8.40 16.66 -15.16
C LEU A 140 7.42 17.52 -14.35
N LEU A 141 6.35 16.90 -13.82
CA LEU A 141 5.37 17.57 -12.96
C LEU A 141 5.84 17.55 -11.51
N ILE A 142 6.59 16.48 -11.12
CA ILE A 142 7.19 16.29 -9.79
C ILE A 142 8.21 17.40 -9.56
N TRP A 143 9.09 17.65 -10.56
CA TRP A 143 10.13 18.68 -10.49
C TRP A 143 9.54 20.09 -10.63
N LEU A 144 8.36 20.21 -11.22
CA LEU A 144 7.62 21.46 -11.34
C LEU A 144 7.06 21.82 -9.95
N LEU A 145 6.57 20.80 -9.22
CA LEU A 145 6.01 20.88 -7.88
C LEU A 145 7.10 21.21 -6.84
N THR A 146 8.29 20.56 -6.94
CA THR A 146 9.41 20.78 -6.00
C THR A 146 9.95 22.20 -6.18
N LEU A 147 10.07 22.68 -7.45
CA LEU A 147 10.54 24.03 -7.77
C LEU A 147 9.56 25.09 -7.23
N ALA A 148 8.26 24.78 -7.23
CA ALA A 148 7.19 25.66 -6.73
C ALA A 148 7.23 25.78 -5.20
N ALA A 149 7.85 24.79 -4.51
CA ALA A 149 7.95 24.75 -3.05
C ALA A 149 9.24 25.36 -2.50
N VAL A 150 10.37 25.25 -3.23
CA VAL A 150 11.67 25.78 -2.78
C VAL A 150 11.86 27.26 -3.19
N LEU A 151 11.34 27.70 -4.35
CA LEU A 151 11.47 29.09 -4.83
C LEU A 151 10.95 30.16 -3.86
N PRO A 152 9.79 30.01 -3.17
CA PRO A 152 9.32 31.09 -2.28
C PRO A 152 10.23 31.41 -1.08
N ASN A 153 11.16 30.49 -0.74
CA ASN A 153 12.09 30.64 0.39
C ASN A 153 13.25 31.59 0.08
N LEU A 154 13.40 32.00 -1.19
CA LEU A 154 14.46 32.94 -1.57
C LEU A 154 14.03 34.38 -1.25
N ARG A 155 12.75 34.71 -1.57
CA ARG A 155 12.10 36.01 -1.36
C ARG A 155 11.71 36.22 0.10
N ALA A 156 11.26 35.16 0.79
CA ALA A 156 10.85 35.18 2.20
C ALA A 156 12.05 35.42 3.11
N GLY A 157 13.14 34.71 2.84
CA GLY A 157 14.38 34.79 3.60
C GLY A 157 14.49 33.73 4.68
N THR A 158 13.81 32.58 4.48
CA THR A 158 13.85 31.45 5.42
C THR A 158 15.19 30.75 5.33
N LEU A 159 15.92 30.93 4.20
CA LEU A 159 17.24 30.34 4.00
C LEU A 159 18.29 31.23 4.64
N GLN A 160 19.01 30.71 5.66
CA GLN A 160 20.09 31.40 6.36
C GLN A 160 21.08 30.39 7.00
N TYR A 161 22.32 30.83 7.27
CA TYR A 161 23.37 29.99 7.84
C TYR A 161 23.11 29.67 9.31
N ASP A 162 23.28 28.38 9.68
CA ASP A 162 23.14 27.87 11.05
C ASP A 162 24.53 27.35 11.50
N PRO A 163 25.16 28.03 12.48
CA PRO A 163 26.52 27.63 12.90
C PRO A 163 26.60 26.26 13.57
N ARG A 164 25.53 25.81 14.24
CA ARG A 164 25.46 24.54 14.97
C ARG A 164 25.69 23.33 14.07
N ILE A 165 25.17 23.38 12.82
CA ILE A 165 25.25 22.31 11.83
C ILE A 165 26.18 22.65 10.63
N TYR A 166 26.87 23.82 10.68
CA TYR A 166 27.83 24.34 9.70
C TYR A 166 27.27 24.41 8.27
N SER A 167 25.96 24.65 8.13
CA SER A 167 25.32 24.67 6.81
C SER A 167 24.38 25.86 6.60
N CYS A 168 23.99 26.08 5.32
CA CYS A 168 23.04 27.08 4.87
C CYS A 168 21.78 26.34 4.45
N THR A 169 20.76 26.36 5.32
CA THR A 169 19.51 25.64 5.09
C THR A 169 18.29 26.47 5.46
N PHE A 170 17.12 25.81 5.43
CA PHE A 170 15.83 26.36 5.77
C PHE A 170 15.75 26.45 7.29
N ALA A 171 15.75 27.68 7.81
CA ALA A 171 15.64 27.92 9.24
C ALA A 171 14.17 27.83 9.68
N GLN A 172 13.90 26.86 10.57
CA GLN A 172 12.58 26.56 11.11
C GLN A 172 12.05 27.65 12.04
N SER A 173 12.94 28.52 12.54
CA SER A 173 12.57 29.58 13.47
C SER A 173 12.32 30.96 12.81
N VAL A 174 12.57 31.11 11.49
CA VAL A 174 12.33 32.38 10.79
C VAL A 174 10.80 32.57 10.67
N SER A 175 10.10 31.73 9.89
CA SER A 175 8.64 31.84 9.76
C SER A 175 8.02 30.50 10.11
N SER A 176 7.21 30.46 11.20
CA SER A 176 6.58 29.23 11.69
C SER A 176 5.48 28.70 10.74
N ALA A 177 4.81 29.61 9.98
CA ALA A 177 3.78 29.28 9.00
C ALA A 177 4.41 28.55 7.81
N TYR A 178 5.62 28.97 7.41
CA TYR A 178 6.39 28.37 6.31
C TYR A 178 6.85 26.96 6.65
N THR A 179 7.26 26.72 7.91
CA THR A 179 7.75 25.43 8.38
C THR A 179 6.63 24.38 8.48
N ILE A 180 5.47 24.73 9.10
CA ILE A 180 4.35 23.79 9.23
C ILE A 180 3.80 23.42 7.86
N ALA A 181 3.82 24.37 6.90
CA ALA A 181 3.37 24.13 5.52
C ALA A 181 4.31 23.12 4.83
N VAL A 182 5.64 23.28 5.05
CA VAL A 182 6.68 22.39 4.50
C VAL A 182 6.53 20.99 5.15
N VAL A 183 6.34 20.93 6.49
CA VAL A 183 6.20 19.68 7.24
C VAL A 183 4.89 18.93 6.85
N VAL A 184 3.75 19.64 6.77
CA VAL A 184 2.47 19.01 6.45
C VAL A 184 2.42 18.56 4.97
N PHE A 185 2.60 19.51 4.02
CA PHE A 185 2.48 19.26 2.58
C PHE A 185 3.60 18.45 1.95
N HIS A 186 4.85 18.55 2.45
CA HIS A 186 5.95 17.85 1.80
C HIS A 186 6.54 16.69 2.63
N PHE A 187 5.95 16.37 3.79
CA PHE A 187 6.39 15.22 4.58
C PHE A 187 5.18 14.38 5.03
N LEU A 188 4.23 14.98 5.78
CA LEU A 188 3.04 14.28 6.27
C LEU A 188 2.08 13.83 5.16
N VAL A 189 1.86 14.68 4.12
CA VAL A 189 1.02 14.40 2.95
C VAL A 189 1.64 13.23 2.15
N PRO A 190 2.93 13.29 1.67
CA PRO A 190 3.48 12.12 0.96
C PRO A 190 3.50 10.83 1.78
N MET A 191 3.87 10.92 3.09
CA MET A 191 3.93 9.79 4.03
C MET A 191 2.65 8.98 4.04
N ILE A 192 1.50 9.65 4.23
CA ILE A 192 0.16 9.04 4.25
C ILE A 192 -0.13 8.38 2.89
N ILE A 193 0.23 9.05 1.76
CA ILE A 193 0.01 8.52 0.41
C ILE A 193 0.80 7.21 0.21
N VAL A 194 2.12 7.22 0.54
CA VAL A 194 3.03 6.08 0.37
C VAL A 194 2.68 4.93 1.36
N ILE A 195 2.32 5.25 2.63
CA ILE A 195 1.96 4.23 3.63
C ILE A 195 0.72 3.46 3.13
N PHE A 196 -0.32 4.19 2.67
CA PHE A 196 -1.56 3.60 2.13
C PHE A 196 -1.26 2.72 0.90
N CYS A 197 -0.46 3.24 -0.04
CA CYS A 197 -0.09 2.56 -1.30
C CYS A 197 0.48 1.17 -1.02
N TYR A 198 1.53 1.08 -0.17
CA TYR A 198 2.18 -0.18 0.17
C TYR A 198 1.30 -1.07 1.05
N LEU A 199 0.42 -0.48 1.89
CA LEU A 199 -0.51 -1.25 2.73
C LEU A 199 -1.46 -2.05 1.84
N ARG A 200 -2.00 -1.41 0.80
CA ARG A 200 -2.91 -2.01 -0.18
C ARG A 200 -2.21 -3.08 -1.03
N ILE A 201 -0.90 -2.89 -1.32
CA ILE A 201 -0.11 -3.83 -2.11
C ILE A 201 0.04 -5.13 -1.31
N TRP A 202 0.49 -5.02 -0.03
CA TRP A 202 0.71 -6.14 0.90
C TRP A 202 -0.55 -7.02 1.04
N ILE A 203 -1.73 -6.42 1.23
CA ILE A 203 -2.98 -7.16 1.37
C ILE A 203 -3.22 -7.97 0.09
N LEU A 204 -3.03 -7.36 -1.09
CA LEU A 204 -3.23 -8.03 -2.37
C LEU A 204 -2.21 -9.15 -2.59
N VAL A 205 -0.97 -9.01 -2.08
CA VAL A 205 0.04 -10.07 -2.20
C VAL A 205 -0.34 -11.20 -1.22
N LEU A 206 -0.96 -10.87 -0.07
CA LEU A 206 -1.40 -11.88 0.90
C LEU A 206 -2.59 -12.64 0.36
N GLN A 207 -3.53 -11.94 -0.33
CA GLN A 207 -4.73 -12.53 -0.95
C GLN A 207 -4.31 -13.55 -2.04
N VAL A 208 -3.26 -13.20 -2.81
CA VAL A 208 -2.67 -14.02 -3.88
C VAL A 208 -2.11 -15.31 -3.25
N ARG A 209 -1.40 -15.17 -2.11
CA ARG A 209 -0.80 -16.28 -1.36
C ARG A 209 -1.86 -17.19 -0.73
N GLY A 210 -2.86 -16.56 -0.09
CA GLY A 210 -3.94 -17.18 0.65
C GLY A 210 -4.81 -18.19 -0.08
N ILE A 211 -5.20 -17.87 -1.33
CA ILE A 211 -6.07 -18.70 -2.16
C ILE A 211 -5.40 -20.03 -2.55
N ASP A 212 -6.21 -21.10 -2.75
CA ASP A 212 -5.74 -22.41 -3.20
C ASP A 212 -6.68 -22.96 -4.26
N SER A 214 -6.14 -25.61 -6.10
CA SER A 214 -6.06 -27.06 -6.12
C SER A 214 -7.18 -27.65 -5.26
N PHE A 215 -7.64 -26.90 -4.22
CA PHE A 215 -8.73 -27.31 -3.32
C PHE A 215 -10.06 -26.67 -3.77
N TRP A 216 -10.15 -25.33 -3.72
CA TRP A 216 -11.34 -24.56 -4.09
C TRP A 216 -11.46 -24.52 -5.62
N ASN A 217 -11.76 -25.69 -6.21
CA ASN A 217 -11.90 -25.96 -7.65
C ASN A 217 -13.19 -26.76 -7.85
N GLU A 218 -14.04 -26.36 -8.80
CA GLU A 218 -15.32 -27.01 -9.04
C GLU A 218 -15.18 -28.40 -9.72
N SER A 219 -13.94 -28.84 -10.04
CA SER A 219 -13.67 -30.17 -10.61
C SER A 219 -14.03 -31.24 -9.59
N TYR A 220 -13.82 -30.94 -8.30
CA TYR A 220 -14.06 -31.76 -7.12
C TYR A 220 -15.56 -32.06 -6.92
N LEU A 221 -16.45 -31.18 -7.43
CA LEU A 221 -17.91 -31.35 -7.38
C LEU A 221 -18.36 -32.21 -8.57
N THR A 222 -19.45 -32.97 -8.40
CA THR A 222 -19.91 -33.92 -9.43
C THR A 222 -21.07 -33.38 -10.32
N GLY A 223 -22.31 -33.48 -9.83
CA GLY A 223 -23.49 -33.10 -10.59
C GLY A 223 -23.67 -31.62 -10.90
N SER A 224 -24.84 -31.29 -11.50
CA SER A 224 -25.25 -29.92 -11.86
C SER A 224 -25.52 -29.11 -10.59
N ARG A 225 -25.33 -27.78 -10.65
CA ARG A 225 -25.55 -26.86 -9.54
C ARG A 225 -26.98 -27.00 -8.99
N ASP A 226 -27.97 -27.04 -9.90
CA ASP A 226 -29.39 -27.18 -9.59
C ASP A 226 -29.66 -28.51 -8.88
N GLU A 227 -28.96 -29.58 -9.30
CA GLU A 227 -29.08 -30.92 -8.72
C GLU A 227 -28.41 -30.99 -7.33
N ARG A 228 -27.21 -30.38 -7.19
CA ARG A 228 -26.45 -30.37 -5.93
C ARG A 228 -27.16 -29.52 -4.86
N LYS A 229 -27.90 -28.48 -5.31
CA LYS A 229 -28.68 -27.58 -4.45
C LYS A 229 -29.93 -28.32 -3.94
N LYS A 230 -30.70 -28.97 -4.85
CA LYS A 230 -31.90 -29.75 -4.53
C LYS A 230 -31.57 -30.85 -3.53
N SER A 231 -30.37 -31.45 -3.65
CA SER A 231 -29.83 -32.49 -2.78
C SER A 231 -29.48 -31.90 -1.40
N LEU A 232 -28.73 -30.76 -1.36
CA LEU A 232 -28.30 -30.08 -0.13
C LEU A 232 -29.52 -29.56 0.66
N LEU A 233 -30.53 -29.00 -0.03
CA LEU A 233 -31.74 -28.47 0.58
C LEU A 233 -32.62 -29.57 1.16
N SER A 234 -32.77 -30.71 0.45
CA SER A 234 -33.56 -31.86 0.91
C SER A 234 -32.94 -32.48 2.17
N LYS A 235 -31.60 -32.44 2.30
CA LYS A 235 -30.87 -32.94 3.46
C LYS A 235 -31.17 -32.08 4.70
N PHE A 236 -31.40 -30.77 4.50
CA PHE A 236 -31.70 -29.82 5.57
C PHE A 236 -33.20 -29.74 5.88
N GLY A 237 -34.02 -30.41 5.07
CA GLY A 237 -35.46 -30.47 5.27
C GLY A 237 -36.25 -29.27 4.81
N MET A 238 -35.86 -28.70 3.65
CA MET A 238 -36.53 -27.56 3.03
C MET A 238 -36.49 -27.74 1.51
N ASP A 239 -37.57 -27.33 0.83
CA ASP A 239 -37.69 -27.48 -0.63
C ASP A 239 -36.83 -26.45 -1.39
N GLU A 240 -36.91 -26.46 -2.73
CA GLU A 240 -36.12 -25.59 -3.62
C GLU A 240 -36.54 -24.11 -3.51
N GLY A 241 -35.53 -23.23 -3.53
CA GLY A 241 -35.67 -21.78 -3.47
C GLY A 241 -34.32 -21.10 -3.60
N VAL A 242 -34.30 -19.75 -3.57
CA VAL A 242 -33.03 -19.00 -3.65
C VAL A 242 -32.33 -19.13 -2.29
N THR A 243 -31.27 -19.95 -2.21
CA THR A 243 -30.59 -20.18 -0.93
C THR A 243 -29.44 -19.20 -0.73
N PHE A 244 -29.24 -18.82 0.53
CA PHE A 244 -28.23 -17.90 1.04
C PHE A 244 -27.45 -18.60 2.13
N MET A 245 -26.20 -18.20 2.32
CA MET A 245 -25.35 -18.84 3.30
C MET A 245 -24.48 -17.83 4.06
N PHE A 246 -24.20 -18.14 5.33
CA PHE A 246 -23.30 -17.39 6.20
C PHE A 246 -22.34 -18.38 6.87
N ILE A 247 -21.04 -18.10 6.83
CA ILE A 247 -20.04 -18.93 7.50
C ILE A 247 -19.11 -17.98 8.24
N GLY A 248 -19.28 -17.92 9.55
CA GLY A 248 -18.49 -17.07 10.42
C GLY A 248 -18.87 -17.15 11.88
N ARG A 249 -18.02 -16.59 12.74
CA ARG A 249 -18.20 -16.54 14.19
C ARG A 249 -19.41 -15.66 14.57
N PHE A 250 -20.08 -16.02 15.67
CA PHE A 250 -21.24 -15.29 16.17
C PHE A 250 -20.77 -14.22 17.14
N ASP A 251 -20.63 -12.98 16.64
CA ASP A 251 -20.13 -11.84 17.42
C ASP A 251 -20.89 -10.55 17.12
N ARG A 252 -20.92 -9.64 18.11
CA ARG A 252 -21.59 -8.35 18.06
C ARG A 252 -21.03 -7.40 16.99
N GLY A 253 -19.72 -7.15 17.02
CA GLY A 253 -19.11 -6.21 16.07
C GLY A 253 -17.85 -6.65 15.37
N GLN A 254 -17.85 -7.87 14.77
CA GLN A 254 -16.68 -8.35 14.03
C GLN A 254 -17.11 -8.97 12.69
N LYS A 255 -17.71 -10.19 12.69
CA LYS A 255 -18.14 -10.89 11.49
C LYS A 255 -19.57 -10.46 11.06
N GLY A 256 -20.27 -9.74 11.95
CA GLY A 256 -21.60 -9.18 11.71
C GLY A 256 -22.75 -10.13 11.51
N VAL A 257 -22.84 -11.19 12.35
CA VAL A 257 -23.92 -12.19 12.30
C VAL A 257 -25.27 -11.54 12.71
N ASP A 258 -25.21 -10.57 13.64
CA ASP A 258 -26.34 -9.82 14.18
C ASP A 258 -27.04 -8.95 13.12
N VAL A 259 -26.28 -8.35 12.17
CA VAL A 259 -26.82 -7.50 11.08
C VAL A 259 -27.69 -8.39 10.17
N LEU A 260 -27.20 -9.62 9.89
CA LEU A 260 -27.92 -10.61 9.09
C LEU A 260 -29.25 -11.01 9.76
N LEU A 261 -29.20 -11.36 11.07
CA LEU A 261 -30.35 -11.81 11.88
C LEU A 261 -31.46 -10.73 12.00
N LYS A 262 -31.06 -9.45 12.10
CA LYS A 262 -32.01 -8.32 12.18
C LYS A 262 -32.63 -8.09 10.81
N ALA A 263 -31.85 -8.30 9.73
CA ALA A 263 -32.30 -8.16 8.34
C ALA A 263 -33.31 -9.25 7.97
N ILE A 264 -33.16 -10.49 8.56
CA ILE A 264 -34.07 -11.63 8.34
C ILE A 264 -35.43 -11.31 8.94
N GLU A 265 -35.45 -10.57 10.06
CA GLU A 265 -36.68 -10.14 10.73
C GLU A 265 -37.44 -9.10 9.87
N ILE A 266 -36.69 -8.25 9.15
CA ILE A 266 -37.25 -7.24 8.25
C ILE A 266 -37.92 -7.96 7.06
N LEU A 267 -37.26 -9.03 6.56
CA LEU A 267 -37.73 -9.83 5.42
C LEU A 267 -38.83 -10.83 5.76
N SER A 268 -38.88 -11.33 7.02
CA SER A 268 -39.86 -12.32 7.50
C SER A 268 -41.32 -11.92 7.25
N SER A 269 -41.62 -10.62 7.23
CA SER A 269 -42.98 -10.09 6.99
C SER A 269 -43.31 -9.97 5.49
N LYS A 270 -42.28 -9.76 4.63
CA LYS A 270 -42.42 -9.63 3.18
C LYS A 270 -42.85 -10.95 2.53
N LYS A 271 -43.74 -10.87 1.52
CA LYS A 271 -44.26 -12.01 0.75
C LYS A 271 -43.12 -12.72 -0.01
N GLU A 272 -42.01 -12.00 -0.27
CA GLU A 272 -40.83 -12.46 -0.99
C GLU A 272 -39.99 -13.47 -0.16
N PHE A 273 -40.12 -13.44 1.19
CA PHE A 273 -39.41 -14.32 2.13
C PHE A 273 -39.69 -15.80 1.86
N GLN A 274 -40.91 -16.12 1.38
CA GLN A 274 -41.37 -17.49 1.09
C GLN A 274 -40.48 -18.18 0.05
N GLU A 275 -39.92 -17.41 -0.92
CA GLU A 275 -39.06 -17.90 -2.00
C GLU A 275 -37.56 -17.87 -1.60
N MET A 276 -37.26 -17.76 -0.29
CA MET A 276 -35.89 -17.70 0.25
C MET A 276 -35.58 -18.87 1.18
N ARG A 277 -34.28 -19.25 1.23
CA ARG A 277 -33.70 -20.28 2.12
C ARG A 277 -32.43 -19.69 2.75
N PHE A 278 -32.23 -19.89 4.07
CA PHE A 278 -31.06 -19.33 4.75
C PHE A 278 -30.35 -20.42 5.53
N ILE A 279 -29.04 -20.61 5.24
CA ILE A 279 -28.21 -21.63 5.88
C ILE A 279 -27.09 -20.90 6.65
N ILE A 280 -27.35 -20.58 7.95
CA ILE A 280 -26.40 -19.87 8.84
C ILE A 280 -25.50 -20.90 9.49
N ILE A 281 -24.18 -20.70 9.41
CA ILE A 281 -23.17 -21.59 9.99
C ILE A 281 -22.21 -20.78 10.87
N GLY A 282 -21.96 -21.30 12.08
CA GLY A 282 -21.04 -20.71 13.05
C GLY A 282 -21.43 -20.84 14.51
N LYS A 283 -20.48 -20.51 15.41
CA LYS A 283 -20.64 -20.54 16.87
C LYS A 283 -20.12 -19.22 17.47
N GLY A 284 -20.51 -18.93 18.72
CA GLY A 284 -20.08 -17.72 19.42
C GLY A 284 -20.94 -17.35 20.61
N ASP A 285 -21.49 -16.12 20.59
CA ASP A 285 -22.35 -15.58 21.64
C ASP A 285 -23.60 -16.46 21.79
N PRO A 286 -23.86 -17.02 23.00
CA PRO A 286 -25.05 -17.87 23.17
C PRO A 286 -26.36 -17.10 22.98
N GLU A 287 -26.33 -15.75 23.21
CA GLU A 287 -27.46 -14.82 23.04
C GLU A 287 -27.80 -14.72 21.54
N LEU A 288 -26.75 -14.67 20.69
CA LEU A 288 -26.89 -14.63 19.24
C LEU A 288 -27.23 -16.03 18.72
N GLU A 289 -26.77 -17.08 19.46
CA GLU A 289 -27.05 -18.49 19.16
C GLU A 289 -28.50 -18.84 19.46
N GLY A 290 -29.08 -18.16 20.44
CA GLY A 290 -30.47 -18.35 20.84
C GLY A 290 -31.41 -17.67 19.87
N TRP A 291 -31.05 -16.44 19.46
CA TRP A 291 -31.78 -15.60 18.50
C TRP A 291 -31.91 -16.34 17.14
N ALA A 292 -30.78 -16.92 16.66
CA ALA A 292 -30.71 -17.70 15.43
C ALA A 292 -31.54 -18.97 15.52
N ARG A 293 -31.47 -19.69 16.68
CA ARG A 293 -32.25 -20.91 16.93
C ARG A 293 -33.74 -20.60 17.03
N SER A 294 -34.09 -19.34 17.42
CA SER A 294 -35.48 -18.88 17.53
C SER A 294 -36.07 -18.62 16.14
N LEU A 295 -35.29 -17.99 15.25
CA LEU A 295 -35.69 -17.72 13.87
C LEU A 295 -35.75 -19.04 13.05
N GLU A 296 -35.08 -20.10 13.55
CA GLU A 296 -35.04 -21.43 12.96
C GLU A 296 -36.36 -22.16 13.26
N GLU A 297 -36.96 -21.86 14.43
CA GLU A 297 -38.21 -22.45 14.95
C GLU A 297 -39.45 -21.74 14.42
N LYS A 298 -39.38 -20.39 14.29
CA LYS A 298 -40.49 -19.58 13.83
C LYS A 298 -40.64 -19.66 12.29
N HIS A 299 -39.56 -20.02 11.56
CA HIS A 299 -39.55 -20.14 10.10
C HIS A 299 -38.76 -21.37 9.64
N GLY A 300 -39.31 -22.08 8.65
CA GLY A 300 -38.68 -23.26 8.06
C GLY A 300 -37.65 -22.96 6.98
N ASN A 301 -37.51 -21.66 6.63
CA ASN A 301 -36.55 -21.17 5.64
C ASN A 301 -35.16 -21.11 6.25
N VAL A 302 -35.10 -20.81 7.55
CA VAL A 302 -33.88 -20.62 8.32
C VAL A 302 -33.38 -21.95 8.90
N LYS A 303 -32.10 -22.28 8.65
CA LYS A 303 -31.40 -23.45 9.18
C LYS A 303 -30.10 -22.97 9.83
N VAL A 304 -29.91 -23.30 11.11
CA VAL A 304 -28.72 -22.87 11.85
C VAL A 304 -27.85 -24.09 12.15
N ILE A 305 -26.53 -23.98 11.87
CA ILE A 305 -25.55 -25.03 12.09
C ILE A 305 -24.40 -24.47 12.95
N THR A 306 -24.38 -24.86 14.24
CA THR A 306 -23.37 -24.42 15.21
C THR A 306 -22.12 -25.31 15.14
N GLU A 307 -22.29 -26.61 14.82
CA GLU A 307 -21.24 -27.63 14.75
C GLU A 307 -20.08 -27.27 13.78
N MET A 308 -18.89 -27.88 14.03
CA MET A 308 -17.65 -27.71 13.26
C MET A 308 -17.78 -28.41 11.90
N LEU A 309 -17.63 -27.64 10.81
CA LEU A 309 -17.76 -28.13 9.44
C LEU A 309 -16.41 -28.32 8.77
N SER A 310 -16.26 -29.43 8.03
CA SER A 310 -15.02 -29.78 7.31
C SER A 310 -14.83 -28.89 6.09
N ARG A 311 -13.55 -28.57 5.77
CA ARG A 311 -13.12 -27.78 4.60
C ARG A 311 -13.77 -28.31 3.31
N GLU A 312 -13.97 -29.64 3.26
CA GLU A 312 -14.56 -30.38 2.16
C GLU A 312 -16.06 -30.09 2.03
N PHE A 313 -16.80 -30.09 3.15
CA PHE A 313 -18.25 -29.81 3.12
C PHE A 313 -18.55 -28.32 2.92
N VAL A 314 -17.63 -27.43 3.35
CA VAL A 314 -17.79 -25.99 3.15
C VAL A 314 -17.62 -25.72 1.65
N ARG A 315 -16.69 -26.45 0.98
CA ARG A 315 -16.46 -26.39 -0.47
C ARG A 315 -17.70 -26.86 -1.21
N GLU A 316 -18.34 -27.92 -0.69
CA GLU A 316 -19.59 -28.48 -1.22
C GLU A 316 -20.70 -27.42 -1.11
N LEU A 317 -20.74 -26.72 0.04
CA LEU A 317 -21.71 -25.66 0.33
C LEU A 317 -21.52 -24.50 -0.64
N TYR A 318 -20.27 -24.01 -0.81
CA TYR A 318 -19.94 -22.93 -1.76
C TYR A 318 -20.43 -23.28 -3.17
N GLY A 319 -20.31 -24.56 -3.52
CA GLY A 319 -20.72 -25.10 -4.81
C GLY A 319 -22.20 -25.21 -5.07
N SER A 320 -23.03 -25.47 -4.03
CA SER A 320 -24.49 -25.64 -4.21
C SER A 320 -25.29 -24.34 -3.97
N VAL A 321 -24.96 -23.59 -2.90
CA VAL A 321 -25.58 -22.33 -2.46
C VAL A 321 -25.51 -21.26 -3.57
N ASP A 322 -26.59 -20.45 -3.75
CA ASP A 322 -26.69 -19.37 -4.75
C ASP A 322 -25.92 -18.10 -4.37
N PHE A 323 -25.96 -17.69 -3.07
CA PHE A 323 -25.30 -16.47 -2.57
C PHE A 323 -24.65 -16.66 -1.22
N VAL A 324 -23.54 -15.97 -0.98
CA VAL A 324 -22.82 -15.99 0.30
C VAL A 324 -22.84 -14.56 0.86
N ILE A 325 -23.44 -14.37 2.04
CA ILE A 325 -23.52 -13.04 2.66
C ILE A 325 -22.32 -12.84 3.58
N ILE A 326 -21.54 -11.77 3.34
CA ILE A 326 -20.39 -11.42 4.17
C ILE A 326 -20.72 -10.06 4.84
N PRO A 327 -21.42 -10.06 6.01
CA PRO A 327 -21.82 -8.78 6.62
C PRO A 327 -20.80 -8.22 7.62
N SER A 328 -19.51 -8.61 7.45
CA SER A 328 -18.38 -8.23 8.30
C SER A 328 -18.26 -6.72 8.50
N TYR A 329 -17.89 -6.33 9.73
CA TYR A 329 -17.65 -4.93 10.14
C TYR A 329 -16.23 -4.54 9.70
N PHE A 330 -15.24 -5.32 10.15
CA PHE A 330 -13.82 -5.21 9.81
C PHE A 330 -13.38 -6.57 9.27
N GLU A 331 -12.86 -6.59 8.03
CA GLU A 331 -12.38 -7.78 7.32
C GLU A 331 -11.25 -7.34 6.39
N PRO A 332 -9.97 -7.42 6.83
CA PRO A 332 -8.87 -6.92 5.99
C PRO A 332 -8.59 -7.74 4.73
N PHE A 333 -8.63 -9.08 4.81
CA PHE A 333 -8.32 -9.90 3.65
C PHE A 333 -9.59 -10.48 3.05
N GLY A 334 -10.39 -11.14 3.89
CA GLY A 334 -11.66 -11.74 3.49
C GLY A 334 -11.53 -12.75 2.36
N LEU A 335 -10.62 -13.75 2.53
CA LEU A 335 -10.39 -14.85 1.58
C LEU A 335 -11.67 -15.64 1.35
N VAL A 336 -12.61 -15.51 2.30
CA VAL A 336 -13.92 -16.14 2.33
C VAL A 336 -14.67 -15.84 1.04
N ALA A 337 -14.71 -14.55 0.63
CA ALA A 337 -15.36 -14.10 -0.59
C ALA A 337 -14.67 -14.69 -1.82
N LEU A 338 -13.32 -14.70 -1.83
CA LEU A 338 -12.49 -15.26 -2.91
C LEU A 338 -12.73 -16.78 -3.05
N GLU A 339 -12.89 -17.49 -1.91
CA GLU A 339 -13.14 -18.93 -1.85
C GLU A 339 -14.56 -19.26 -2.33
N ALA A 340 -15.52 -18.36 -2.06
CA ALA A 340 -16.91 -18.52 -2.49
C ALA A 340 -17.03 -18.30 -4.00
N MET A 341 -16.35 -17.25 -4.52
CA MET A 341 -16.34 -16.90 -5.94
C MET A 341 -15.70 -18.00 -6.77
N CYS A 342 -14.72 -18.72 -6.17
CA CYS A 342 -13.97 -19.85 -6.75
C CYS A 342 -14.93 -20.92 -7.29
N LEU A 343 -15.95 -21.26 -6.48
CA LEU A 343 -16.94 -22.27 -6.82
C LEU A 343 -18.29 -21.62 -7.20
N GLY A 344 -18.19 -20.49 -7.91
CA GLY A 344 -19.29 -19.69 -8.44
C GLY A 344 -20.40 -19.25 -7.50
N ALA A 345 -20.08 -18.90 -6.25
CA ALA A 345 -21.10 -18.41 -5.35
C ALA A 345 -21.03 -16.88 -5.30
N ILE A 346 -22.10 -16.19 -5.76
CA ILE A 346 -22.21 -14.72 -5.83
C ILE A 346 -22.20 -14.11 -4.40
N PRO A 347 -21.21 -13.27 -4.03
CA PRO A 347 -21.20 -12.71 -2.67
C PRO A 347 -22.03 -11.43 -2.51
N ILE A 348 -22.63 -11.27 -1.32
CA ILE A 348 -23.36 -10.07 -0.91
C ILE A 348 -22.60 -9.59 0.33
N ALA A 349 -21.54 -8.80 0.10
CA ALA A 349 -20.64 -8.40 1.16
C ALA A 349 -20.59 -6.91 1.41
N SER A 350 -20.18 -6.57 2.64
CA SER A 350 -20.00 -5.21 3.13
C SER A 350 -18.81 -4.55 2.42
N ALA A 351 -18.92 -3.25 2.14
CA ALA A 351 -17.86 -2.47 1.51
C ALA A 351 -16.76 -2.18 2.55
N VAL A 352 -15.92 -3.18 2.81
CA VAL A 352 -14.80 -3.15 3.76
C VAL A 352 -13.48 -3.27 2.98
N GLY A 353 -12.40 -2.66 3.49
CA GLY A 353 -11.08 -2.73 2.89
C GLY A 353 -10.62 -4.16 2.74
N GLY A 354 -10.51 -4.61 1.48
CA GLY A 354 -10.16 -5.99 1.14
C GLY A 354 -11.31 -6.64 0.42
N LEU A 355 -12.53 -6.48 0.99
CA LEU A 355 -13.79 -6.95 0.43
C LEU A 355 -14.19 -6.06 -0.75
N ARG A 356 -13.84 -4.77 -0.68
CA ARG A 356 -14.08 -3.77 -1.71
C ARG A 356 -13.06 -3.95 -2.84
N ASP A 357 -11.86 -4.50 -2.50
CA ASP A 357 -10.79 -4.77 -3.44
C ASP A 357 -11.13 -5.99 -4.32
N ILE A 358 -11.40 -7.14 -3.68
CA ILE A 358 -11.64 -8.41 -4.37
C ILE A 358 -13.03 -8.47 -5.04
N ILE A 359 -14.02 -7.70 -4.58
CA ILE A 359 -15.35 -7.72 -5.21
C ILE A 359 -15.48 -6.50 -6.12
N THR A 360 -15.60 -6.75 -7.43
CA THR A 360 -15.84 -5.71 -8.43
C THR A 360 -17.37 -5.54 -8.48
N ASN A 361 -17.89 -4.49 -9.13
CA ASN A 361 -19.34 -4.27 -9.22
C ASN A 361 -20.01 -5.33 -10.14
N GLU A 362 -19.21 -5.98 -11.02
CA GLU A 362 -19.63 -7.02 -11.96
C GLU A 362 -19.58 -8.44 -11.36
N THR A 363 -18.81 -8.66 -10.25
CA THR A 363 -18.63 -9.97 -9.61
C THR A 363 -19.32 -10.09 -8.22
N GLY A 364 -20.36 -9.29 -7.98
CA GLY A 364 -21.08 -9.32 -6.71
C GLY A 364 -21.77 -8.01 -6.36
N ILE A 365 -22.68 -8.09 -5.38
CA ILE A 365 -23.47 -6.93 -4.93
C ILE A 365 -22.92 -6.47 -3.55
N LEU A 366 -22.42 -5.22 -3.51
CA LEU A 366 -21.85 -4.59 -2.33
C LEU A 366 -22.89 -3.78 -1.59
N VAL A 367 -22.82 -3.82 -0.25
CA VAL A 367 -23.74 -3.13 0.64
C VAL A 367 -22.96 -2.34 1.70
N LYS A 368 -23.59 -1.33 2.32
CA LYS A 368 -22.99 -0.53 3.39
C LYS A 368 -23.02 -1.36 4.68
N ALA A 369 -21.85 -1.51 5.32
CA ALA A 369 -21.67 -2.30 6.55
C ALA A 369 -22.47 -1.75 7.73
N GLY A 370 -22.98 -2.67 8.56
CA GLY A 370 -23.74 -2.37 9.75
C GLY A 370 -25.11 -1.75 9.54
N ASP A 371 -25.78 -2.08 8.42
CA ASP A 371 -27.12 -1.59 8.13
C ASP A 371 -28.05 -2.78 7.81
N PRO A 372 -29.00 -3.11 8.72
CA PRO A 372 -29.89 -4.25 8.48
C PRO A 372 -30.93 -3.99 7.39
N GLY A 373 -31.26 -2.72 7.18
CA GLY A 373 -32.21 -2.30 6.17
C GLY A 373 -31.64 -2.46 4.78
N GLU A 374 -30.39 -1.96 4.59
CA GLU A 374 -29.65 -2.00 3.33
C GLU A 374 -29.38 -3.44 2.88
N LEU A 375 -29.07 -4.34 3.84
CA LEU A 375 -28.81 -5.75 3.60
C LEU A 375 -30.08 -6.46 3.12
N ALA A 376 -31.23 -6.14 3.74
CA ALA A 376 -32.54 -6.68 3.37
C ALA A 376 -32.88 -6.30 1.94
N ASN A 377 -32.61 -5.03 1.56
CA ASN A 377 -32.83 -4.48 0.21
C ASN A 377 -31.87 -5.12 -0.80
N ALA A 378 -30.66 -5.49 -0.35
CA ALA A 378 -29.65 -6.15 -1.17
C ALA A 378 -30.04 -7.61 -1.42
N ILE A 379 -30.60 -8.30 -0.38
CA ILE A 379 -31.06 -9.70 -0.47
C ILE A 379 -32.28 -9.74 -1.42
N LEU A 380 -33.16 -8.73 -1.34
CA LEU A 380 -34.34 -8.59 -2.21
C LEU A 380 -33.92 -8.32 -3.66
N LYS A 381 -32.82 -7.56 -3.86
CA LYS A 381 -32.27 -7.25 -5.20
C LYS A 381 -31.72 -8.52 -5.82
N ALA A 382 -31.02 -9.33 -5.02
CA ALA A 382 -30.42 -10.62 -5.39
C ALA A 382 -31.48 -11.65 -5.73
N LEU A 383 -32.65 -11.60 -5.05
CA LEU A 383 -33.77 -12.51 -5.23
C LEU A 383 -34.39 -12.34 -6.63
N GLU A 384 -34.46 -11.08 -7.13
CA GLU A 384 -35.03 -10.71 -8.44
C GLU A 384 -34.19 -11.19 -9.64
N LEU A 385 -32.92 -11.60 -9.40
CA LEU A 385 -32.04 -12.10 -10.46
C LEU A 385 -32.48 -13.50 -10.90
N SER A 386 -32.74 -13.65 -12.23
CA SER A 386 -33.18 -14.87 -12.90
C SER A 386 -31.97 -15.72 -13.36
N ARG A 387 -32.18 -17.06 -13.45
CA ARG A 387 -31.22 -18.13 -13.82
C ARG A 387 -30.18 -17.69 -14.90
N SER A 388 -30.66 -17.01 -15.96
CA SER A 388 -29.85 -16.51 -17.08
C SER A 388 -28.87 -15.42 -16.65
N ASP A 389 -29.36 -14.42 -15.87
CA ASP A 389 -28.58 -13.28 -15.35
C ASP A 389 -27.50 -13.73 -14.35
N LEU A 390 -27.81 -14.80 -13.59
CA LEU A 390 -26.92 -15.39 -12.57
C LEU A 390 -25.72 -16.10 -13.20
N SER A 391 -25.93 -16.86 -14.30
CA SER A 391 -24.91 -17.64 -15.01
C SER A 391 -23.65 -16.81 -15.39
N LYS A 392 -23.84 -15.53 -15.76
CA LYS A 392 -22.75 -14.62 -16.11
C LYS A 392 -22.00 -14.17 -14.85
N PHE A 393 -22.73 -13.95 -13.73
CA PHE A 393 -22.12 -13.56 -12.45
C PHE A 393 -21.20 -14.65 -11.92
N ARG A 394 -21.64 -15.93 -11.98
CA ARG A 394 -20.85 -17.08 -11.53
C ARG A 394 -19.60 -17.21 -12.38
N GLU A 395 -19.73 -16.93 -13.70
CA GLU A 395 -18.64 -16.95 -14.69
C GLU A 395 -17.62 -15.85 -14.34
N ASN A 396 -18.10 -14.60 -14.08
CA ASN A 396 -17.28 -13.46 -13.67
C ASN A 396 -16.57 -13.71 -12.33
N CYS A 397 -17.30 -14.25 -11.32
CA CYS A 397 -16.80 -14.61 -9.99
C CYS A 397 -15.60 -15.56 -10.12
N LYS A 398 -15.72 -16.56 -11.03
CA LYS A 398 -14.69 -17.57 -11.28
C LYS A 398 -13.48 -16.93 -11.96
N LYS A 399 -13.72 -16.04 -12.94
CA LYS A 399 -12.66 -15.34 -13.68
C LYS A 399 -11.90 -14.36 -12.76
N ARG A 400 -12.58 -13.84 -11.72
CA ARG A 400 -12.00 -12.92 -10.74
C ARG A 400 -11.04 -13.67 -9.79
N ALA A 401 -11.45 -14.86 -9.32
CA ALA A 401 -10.65 -15.72 -8.46
C ALA A 401 -9.48 -16.31 -9.24
N MET A 402 -9.71 -16.61 -10.52
CA MET A 402 -8.74 -17.16 -11.45
C MET A 402 -7.60 -16.17 -11.74
N SER A 403 -7.85 -14.85 -11.62
CA SER A 403 -6.84 -13.80 -11.84
C SER A 403 -5.97 -13.55 -10.58
N PHE A 404 -6.44 -14.01 -9.40
CA PHE A 404 -5.69 -13.86 -8.15
C PHE A 404 -4.64 -14.95 -8.05
N SER A 405 -4.96 -16.18 -8.48
CA SER A 405 -4.04 -17.33 -8.48
C SER A 405 -3.01 -17.24 -9.63
N LYS A 406 -3.30 -16.39 -10.63
CA LYS A 406 -2.49 -16.10 -11.80
C LYS A 406 -1.14 -15.46 -11.39
N LEU A 407 -1.19 -14.56 -10.39
CA LEU A 407 -0.02 -13.81 -9.87
C LEU A 407 0.79 -14.59 -8.80
N LYS A 408 0.56 -15.89 -8.63
CA LYS A 408 1.25 -16.69 -7.62
C LYS A 408 2.79 -16.91 -7.89
N PRO A 409 3.29 -17.26 -9.11
CA PRO A 409 4.74 -17.53 -9.24
C PRO A 409 5.62 -16.28 -9.42
N GLN A 410 5.03 -15.07 -9.45
CA GLN A 410 5.75 -13.80 -9.65
C GLN A 410 6.79 -13.57 -8.55
N ASP A 411 7.86 -12.83 -8.89
CA ASP A 411 8.94 -12.46 -7.97
C ASP A 411 8.63 -11.07 -7.38
N PHE A 412 7.99 -11.04 -6.19
CA PHE A 412 7.55 -9.82 -5.51
C PHE A 412 8.67 -9.10 -4.71
N ARG A 413 9.94 -9.43 -5.01
CA ARG A 413 11.12 -8.89 -4.34
C ARG A 413 11.39 -7.41 -4.63
N ASN A 414 11.00 -6.89 -5.82
CA ASN A 414 11.20 -5.47 -6.18
C ASN A 414 10.39 -4.53 -5.25
N PHE A 415 9.16 -4.96 -4.85
CA PHE A 415 8.28 -4.21 -3.96
C PHE A 415 8.93 -4.02 -2.59
N VAL A 416 9.65 -5.06 -2.12
CA VAL A 416 10.36 -5.09 -0.83
C VAL A 416 11.49 -4.05 -0.83
N THR A 417 12.29 -4.02 -1.93
CA THR A 417 13.42 -3.09 -2.10
C THR A 417 12.90 -1.64 -2.04
N MET A 418 11.91 -1.29 -2.90
CA MET A 418 11.27 0.03 -2.97
C MET A 418 10.62 0.44 -1.64
N PHE A 419 10.16 -0.56 -0.87
CA PHE A 419 9.57 -0.33 0.44
C PHE A 419 10.65 0.03 1.46
N VAL A 420 11.83 -0.65 1.39
CA VAL A 420 12.99 -0.41 2.27
C VAL A 420 13.53 1.01 1.97
N VAL A 421 13.49 1.42 0.67
CA VAL A 421 13.89 2.74 0.17
C VAL A 421 13.08 3.81 0.95
N PHE A 422 11.74 3.65 0.99
CA PHE A 422 10.80 4.55 1.68
C PHE A 422 11.01 4.49 3.19
N VAL A 423 11.03 3.27 3.78
CA VAL A 423 11.18 3.04 5.22
C VAL A 423 12.42 3.78 5.76
N LEU A 424 13.58 3.64 5.09
CA LEU A 424 14.82 4.30 5.48
C LEU A 424 14.74 5.82 5.34
N PHE A 425 14.13 6.35 4.24
CA PHE A 425 13.93 7.79 4.03
C PHE A 425 13.16 8.39 5.21
N ALA A 426 12.05 7.75 5.59
CA ALA A 426 11.17 8.16 6.69
C ALA A 426 11.93 8.18 8.00
N ILE A 427 12.87 7.23 8.24
CA ILE A 427 13.67 7.17 9.49
C ILE A 427 14.61 8.38 9.58
N CYS A 428 15.26 8.74 8.46
CA CYS A 428 16.23 9.83 8.37
C CYS A 428 15.62 11.21 8.60
N PHE A 429 14.41 11.43 8.05
CA PHE A 429 13.75 12.74 8.07
C PHE A 429 12.70 12.94 9.19
N ALA A 430 12.12 11.85 9.76
CA ALA A 430 11.14 11.96 10.86
C ALA A 430 11.68 12.80 12.05
N PRO A 431 12.96 12.68 12.51
CA PRO A 431 13.41 13.53 13.63
C PRO A 431 13.46 15.02 13.27
N LEU A 432 13.91 15.35 12.04
CA LEU A 432 14.02 16.71 11.52
C LEU A 432 12.65 17.38 11.44
N ASN A 433 11.64 16.65 10.93
CA ASN A 433 10.28 17.16 10.77
C ASN A 433 9.55 17.29 12.13
N PHE A 434 9.95 16.48 13.14
CA PHE A 434 9.39 16.56 14.50
C PHE A 434 9.86 17.83 15.18
N ILE A 435 11.15 18.18 15.01
CA ILE A 435 11.78 19.40 15.54
C ILE A 435 11.07 20.61 14.91
N GLY A 436 10.84 20.55 13.59
CA GLY A 436 10.17 21.57 12.80
C GLY A 436 8.85 22.03 13.36
N LEU A 437 8.04 21.09 13.88
CA LEU A 437 6.74 21.37 14.48
C LEU A 437 6.90 21.94 15.88
N ALA A 438 7.89 21.41 16.64
CA ALA A 438 8.22 21.83 17.99
C ALA A 438 8.75 23.27 18.02
N VAL A 439 9.52 23.67 16.99
CA VAL A 439 10.05 25.02 16.82
C VAL A 439 8.90 25.93 16.35
N ALA A 440 8.05 25.44 15.43
CA ALA A 440 6.91 26.17 14.89
C ALA A 440 5.93 26.68 15.98
N SER A 441 5.75 25.89 17.07
CA SER A 441 4.85 26.20 18.20
C SER A 441 5.20 27.55 18.86
N ASP A 442 6.49 27.77 19.14
CA ASP A 442 7.03 29.00 19.72
C ASP A 442 8.49 29.10 19.29
N PRO A 443 8.77 29.75 18.13
CA PRO A 443 10.17 29.81 17.62
C PRO A 443 11.16 30.47 18.57
N ALA A 444 10.69 31.45 19.37
CA ALA A 444 11.53 32.20 20.31
C ALA A 444 12.01 31.35 21.50
N SER A 445 11.08 30.65 22.20
CA SER A 445 11.36 29.87 23.41
C SER A 445 11.86 28.44 23.16
N MET A 446 11.31 27.76 22.14
CA MET A 446 11.64 26.36 21.88
C MET A 446 13.02 26.11 21.27
N VAL A 447 13.65 27.13 20.64
CA VAL A 447 14.98 26.99 20.03
C VAL A 447 16.04 26.64 21.14
N PRO A 448 16.20 27.41 22.26
CA PRO A 448 17.17 26.99 23.29
C PRO A 448 16.69 25.78 24.13
N ARG A 449 15.37 25.52 24.14
CA ARG A 449 14.71 24.43 24.88
C ARG A 449 14.89 23.05 24.21
N ILE A 450 15.33 23.02 22.93
CA ILE A 450 15.57 21.78 22.18
C ILE A 450 17.06 21.41 22.32
N PRO A 451 17.39 20.13 22.66
CA PRO A 451 18.81 19.74 22.85
C PRO A 451 19.66 19.90 21.60
N GLU A 452 20.91 20.33 21.80
CA GLU A 452 21.89 20.59 20.74
C GLU A 452 22.29 19.32 20.01
N TRP A 453 22.58 18.23 20.74
CA TRP A 453 22.96 16.94 20.15
C TRP A 453 21.84 16.44 19.23
N LEU A 454 20.60 16.61 19.67
CA LEU A 454 19.39 16.18 18.98
C LEU A 454 19.20 16.90 17.66
N PHE A 455 19.42 18.23 17.62
CA PHE A 455 19.28 19.03 16.41
C PHE A 455 20.35 18.69 15.37
N VAL A 456 21.61 18.49 15.83
CA VAL A 456 22.75 18.17 14.96
C VAL A 456 22.56 16.78 14.33
N ALA A 457 22.25 15.75 15.17
CA ALA A 457 22.03 14.36 14.76
C ALA A 457 20.87 14.20 13.77
N SER A 458 19.76 14.93 13.97
CA SER A 458 18.58 14.88 13.09
C SER A 458 18.91 15.43 11.71
N TYR A 459 19.80 16.45 11.66
CA TYR A 459 20.22 17.09 10.42
C TYR A 459 21.18 16.18 9.64
N TYR A 460 22.25 15.66 10.29
CA TYR A 460 23.24 14.79 9.65
C TYR A 460 22.69 13.37 9.37
N MET A 461 21.51 13.02 9.93
CA MET A 461 20.82 11.76 9.64
C MET A 461 20.18 11.89 8.27
N ALA A 462 19.48 13.03 8.05
CA ALA A 462 18.81 13.42 6.80
C ALA A 462 19.82 13.65 5.67
N TYR A 463 21.05 14.10 6.02
CA TYR A 463 22.14 14.31 5.06
C TYR A 463 22.67 12.98 4.59
N PHE A 464 22.79 12.02 5.52
CA PHE A 464 23.30 10.66 5.28
C PHE A 464 22.41 9.88 4.31
N ASN A 465 21.10 10.20 4.26
CA ASN A 465 20.11 9.56 3.38
C ASN A 465 20.50 9.67 1.89
N SER A 466 21.20 10.77 1.51
CA SER A 466 21.63 11.07 0.14
C SER A 466 22.59 10.02 -0.46
N CYS A 467 23.08 9.06 0.34
CA CYS A 467 23.99 8.02 -0.13
C CYS A 467 23.41 6.61 0.14
N LEU A 468 22.30 6.51 0.90
CA LEU A 468 21.70 5.25 1.33
C LEU A 468 20.96 4.46 0.22
N ASN A 469 20.39 5.14 -0.78
CA ASN A 469 19.61 4.49 -1.85
C ASN A 469 20.44 3.50 -2.69
N PRO A 470 21.66 3.83 -3.22
CA PRO A 470 22.40 2.82 -4.02
C PRO A 470 22.89 1.62 -3.20
N ILE A 471 23.18 1.81 -1.89
CA ILE A 471 23.67 0.74 -0.99
C ILE A 471 22.63 -0.39 -0.91
N ILE A 472 21.34 -0.07 -0.63
CA ILE A 472 20.28 -1.06 -0.52
C ILE A 472 19.91 -1.65 -1.90
N TYR A 473 20.00 -0.86 -3.00
CA TYR A 473 19.70 -1.35 -4.37
C TYR A 473 20.53 -2.59 -4.70
N GLY A 474 21.82 -2.55 -4.36
CA GLY A 474 22.74 -3.65 -4.57
C GLY A 474 22.52 -4.76 -3.56
N LEU A 475 22.26 -4.39 -2.30
CA LEU A 475 22.07 -5.32 -1.19
C LEU A 475 20.79 -6.18 -1.30
N LEU A 476 19.67 -5.61 -1.78
CA LEU A 476 18.37 -6.28 -1.85
C LEU A 476 17.98 -6.73 -3.26
N ASP A 477 18.15 -5.88 -4.28
CA ASP A 477 17.78 -6.22 -5.67
C ASP A 477 18.97 -6.88 -6.37
N GLN A 478 18.82 -8.18 -6.68
CA GLN A 478 19.81 -9.04 -7.33
C GLN A 478 20.23 -8.51 -8.71
N ASN A 479 19.28 -7.89 -9.47
CA ASN A 479 19.52 -7.33 -10.80
C ASN A 479 20.49 -6.15 -10.74
N PHE A 480 20.42 -5.34 -9.66
CA PHE A 480 21.32 -4.22 -9.49
C PHE A 480 22.70 -4.71 -9.08
N ARG A 481 22.78 -5.73 -8.19
CA ARG A 481 24.03 -6.33 -7.72
C ARG A 481 24.84 -6.92 -8.89
N LYS A 482 24.15 -7.66 -9.78
CA LYS A 482 24.74 -8.30 -10.95
C LYS A 482 25.29 -7.25 -11.93
N GLU A 483 24.55 -6.15 -12.16
CA GLU A 483 24.96 -5.09 -13.08
C GLU A 483 26.04 -4.18 -12.46
N TYR A 484 26.07 -4.03 -11.12
CA TYR A 484 27.11 -3.26 -10.43
C TYR A 484 28.48 -3.87 -10.70
N ARG A 485 28.59 -5.20 -10.51
CA ARG A 485 29.77 -6.04 -10.73
C ARG A 485 30.18 -6.02 -12.22
N ARG A 486 29.18 -6.06 -13.14
CA ARG A 486 29.35 -6.04 -14.59
C ARG A 486 30.00 -4.73 -15.06
N ILE A 487 29.63 -3.59 -14.42
CA ILE A 487 30.18 -2.26 -14.71
C ILE A 487 31.63 -2.18 -14.17
N ILE A 488 31.83 -2.56 -12.88
CA ILE A 488 33.12 -2.55 -12.18
C ILE A 488 34.19 -3.37 -12.92
N VAL A 489 33.80 -4.53 -13.51
CA VAL A 489 34.70 -5.39 -14.26
C VAL A 489 35.03 -4.78 -15.63
N SER A 490 33.99 -4.38 -16.40
CA SER A 490 34.08 -3.80 -17.75
C SER A 490 34.87 -2.48 -17.80
N LEU A 491 34.98 -1.77 -16.67
CA LEU A 491 35.72 -0.52 -16.59
C LEU A 491 37.17 -0.77 -16.13
N CYS A 492 37.47 -1.98 -15.58
CA CYS A 492 38.80 -2.30 -15.03
C CYS A 492 39.39 -3.64 -15.55
N THR A 493 39.04 -4.08 -16.78
CA THR A 493 39.61 -5.28 -17.39
C THR A 493 39.97 -4.97 -18.83
N ALA A 494 41.21 -4.48 -19.05
CA ALA A 494 41.77 -4.09 -20.34
C ALA A 494 41.76 -5.24 -21.36
N ARG A 495 41.79 -4.89 -22.66
CA ARG A 495 41.77 -5.85 -23.74
C ARG A 495 43.16 -6.00 -24.37
N VAL A 496 43.59 -7.25 -24.56
CA VAL A 496 44.88 -7.60 -25.15
C VAL A 496 44.68 -8.45 -26.41
N PHE A 497 45.67 -8.45 -27.32
CA PHE A 497 45.60 -9.19 -28.58
C PHE A 497 46.81 -10.11 -28.78
N PHE A 498 46.54 -11.36 -29.27
CA PHE A 498 47.52 -12.42 -29.54
C PHE A 498 48.44 -12.66 -28.35
#